data_7FMF
#
_entry.id   7FMF
#
_cell.length_a   89.089
_cell.length_b   81.873
_cell.length_c   93.551
_cell.angle_alpha   90
_cell.angle_beta   108.39
_cell.angle_gamma   90
#
_symmetry.space_group_name_H-M   'C 1 2 1'
#
loop_
_entity.id
_entity.type
_entity.pdbx_description
1 polymer 'Pre-mRNA-splicing factor 8'
2 polymer 'A1 cistron-splicing factor AAR2'
3 non-polymer "N-cyclopropyl-N'-[2-(thiophen-2-yl)ethyl]guanidine"
4 water water
#
loop_
_entity_poly.entity_id
_entity_poly.type
_entity_poly.pdbx_seq_one_letter_code
_entity_poly.pdbx_strand_id
1 'polypeptide(L)'
;GAMNSSNYAELFNNDIKLFVDDTNVYRVTVHKTFEGNVATKAINGCIFTLNPKTGHLFLKIIHTSVWAGQKRLSQLAKWK
TAEEVSALVRSLPKEEQPKQIIVTRKAMLDPLEVHMLDFPNIAIRPTELRLPFSAAMSIDKLSDVVMKATEPQMVLFNIY
DDWLDRISSYTAFSRLTLLLRALKTNEESAKMILLSDPTITIKSYHLWPSFTDEQWITIESQMRDLILTEYGRKYNVNIS
ALTQTEIKDIILGQNIKA
;
A
2 'polypeptide(L)'
;GAMAMNTVPFTSAPIEVTIGIDQYSFNVKENQPFHGIKDIPIGHVHVIHFQHADNSSMRYGYWFDCRMGNFYIQYDPKDG
LYKMMEERDGAKFENIVHNFKERQMMVSYPKIDEDDTWYNLTEFVQMDKIRKIVRKDENQFSYVDSSMTTVQENELSSSS
SDPAHSLNYTVINFKSREAIRPGHEMEDFLDKSYYLNTVMLQGIFKNSSNYFGELQFAFLNAMFFGNYGSSLQWHAMIEL
ICSSATVPKHMLDKLDEILYYQIKTLPEQYSDILLNERVWNICLYSSFQKNSLHNTEKIMENKYPELL
;
B
#
loop_
_chem_comp.id
_chem_comp.type
_chem_comp.name
_chem_comp.formula
VUU non-polymer N-cyclopropyl-N'-[2-(thiophen-2-yl)ethyl]guanidine 'C10 H15 N3 S'
#
# COMPACT_ATOMS: atom_id res chain seq x y z
N GLY A 1 -1.72 6.11 -15.46
CA GLY A 1 -1.72 4.83 -14.79
C GLY A 1 -1.31 3.68 -15.70
N ALA A 2 -2.26 2.82 -16.05
CA ALA A 2 -1.96 1.68 -16.90
C ALA A 2 -1.89 2.13 -18.35
N MET A 3 -1.44 1.20 -19.19
CA MET A 3 -1.12 1.42 -20.59
C MET A 3 -1.97 0.46 -21.42
N ASN A 4 -2.78 0.99 -22.34
CA ASN A 4 -3.72 0.15 -23.07
C ASN A 4 -3.97 0.73 -24.46
N SER A 5 -5.02 0.23 -25.13
CA SER A 5 -5.27 0.57 -26.53
C SER A 5 -5.43 2.07 -26.74
N SER A 6 -5.94 2.77 -25.74
CA SER A 6 -6.34 4.16 -25.93
C SER A 6 -5.14 5.09 -26.00
N ASN A 7 -4.08 4.80 -25.25
CA ASN A 7 -2.89 5.63 -25.25
C ASN A 7 -1.71 4.89 -25.85
N TYR A 8 -1.88 4.35 -27.05
CA TYR A 8 -0.87 3.49 -27.66
C TYR A 8 0.24 4.29 -28.31
N ALA A 9 -0.10 5.38 -28.99
CA ALA A 9 0.92 6.22 -29.62
C ALA A 9 1.87 6.85 -28.62
N GLU A 10 1.56 6.84 -27.32
CA GLU A 10 2.51 7.42 -26.37
C GLU A 10 3.85 6.68 -26.40
N LEU A 11 3.82 5.40 -26.76
CA LEU A 11 5.04 4.61 -26.82
C LEU A 11 6.08 5.23 -27.75
N PHE A 12 5.63 5.94 -28.76
CA PHE A 12 6.50 6.42 -29.83
C PHE A 12 6.74 7.90 -29.78
N ASN A 13 6.38 8.54 -28.66
CA ASN A 13 6.68 9.95 -28.49
C ASN A 13 8.10 10.06 -27.98
N ASN A 14 8.50 11.26 -27.59
CA ASN A 14 9.91 11.53 -27.32
C ASN A 14 10.28 11.47 -25.83
N ASP A 15 9.39 11.00 -24.97
CA ASP A 15 9.73 10.73 -23.57
C ASP A 15 10.37 9.34 -23.52
N ILE A 16 11.60 9.26 -23.06
CA ILE A 16 12.26 7.95 -22.99
C ILE A 16 11.42 7.02 -22.13
N LYS A 17 11.18 5.81 -22.66
CA LYS A 17 10.49 4.79 -21.88
C LYS A 17 11.08 3.42 -22.16
N LEU A 18 10.91 2.54 -21.18
CA LEU A 18 11.32 1.16 -21.34
C LEU A 18 10.18 0.22 -20.96
N PHE A 19 10.02 -0.82 -21.75
CA PHE A 19 9.27 -2.00 -21.34
C PHE A 19 10.19 -2.94 -20.58
N VAL A 20 9.70 -3.53 -19.49
CA VAL A 20 10.45 -4.58 -18.82
C VAL A 20 9.57 -5.82 -18.81
N ASP A 21 10.09 -6.93 -19.33
CA ASP A 21 9.42 -8.22 -19.25
C ASP A 21 10.27 -9.20 -18.43
N ASP A 22 9.66 -9.79 -17.40
CA ASP A 22 10.36 -10.73 -16.54
C ASP A 22 10.01 -12.20 -16.78
N THR A 23 9.22 -12.50 -17.82
N THR A 23 9.26 -12.51 -17.84
CA THR A 23 8.76 -13.87 -18.00
CA THR A 23 8.74 -13.87 -18.00
C THR A 23 9.92 -14.85 -18.02
C THR A 23 9.82 -14.90 -18.31
N ASN A 24 11.01 -14.49 -18.71
CA ASN A 24 12.09 -15.45 -18.98
C ASN A 24 13.24 -15.36 -17.97
N VAL A 25 13.02 -14.74 -16.81
CA VAL A 25 14.07 -14.60 -15.81
C VAL A 25 14.35 -15.92 -15.12
N TYR A 26 13.30 -16.52 -14.56
CA TYR A 26 13.40 -17.80 -13.85
C TYR A 26 12.82 -18.88 -14.74
N ARG A 27 13.69 -19.76 -15.25
CA ARG A 27 13.29 -20.80 -16.19
C ARG A 27 13.73 -22.14 -15.62
N VAL A 28 12.85 -23.13 -15.70
CA VAL A 28 13.17 -24.46 -15.21
C VAL A 28 12.71 -25.52 -16.20
N THR A 29 13.36 -26.69 -16.09
CA THR A 29 12.83 -27.95 -16.56
C THR A 29 12.39 -28.75 -15.34
N VAL A 30 11.33 -29.51 -15.47
CA VAL A 30 10.79 -30.34 -14.41
C VAL A 30 11.05 -31.79 -14.81
N HIS A 31 11.60 -32.57 -13.90
CA HIS A 31 12.00 -33.96 -14.20
C HIS A 31 11.75 -34.86 -13.00
N LYS A 32 11.80 -36.16 -13.26
CA LYS A 32 11.65 -37.17 -12.20
C LYS A 32 12.99 -37.45 -11.57
N THR A 33 13.00 -37.60 -10.26
CA THR A 33 14.21 -38.04 -9.58
C THR A 33 14.26 -39.56 -9.50
N PHE A 34 15.45 -40.08 -9.18
CA PHE A 34 15.62 -41.53 -9.09
C PHE A 34 14.59 -42.14 -8.15
N GLU A 35 14.23 -41.42 -7.08
CA GLU A 35 13.25 -41.92 -6.14
C GLU A 35 11.84 -41.80 -6.67
N GLY A 36 11.69 -41.21 -7.86
CA GLY A 36 10.36 -41.01 -8.44
C GLY A 36 9.66 -39.75 -7.96
N ASN A 37 10.35 -38.86 -7.26
CA ASN A 37 9.81 -37.55 -6.92
C ASN A 37 10.02 -36.61 -8.11
N VAL A 38 9.53 -35.39 -8.01
CA VAL A 38 9.77 -34.41 -9.06
C VAL A 38 10.67 -33.32 -8.54
N ALA A 39 11.53 -32.79 -9.41
CA ALA A 39 12.52 -31.80 -9.08
C ALA A 39 12.63 -30.86 -10.26
N THR A 40 13.03 -29.63 -10.01
CA THR A 40 13.32 -28.71 -11.10
C THR A 40 14.84 -28.59 -11.25
N LYS A 41 15.26 -28.29 -12.47
CA LYS A 41 16.63 -27.84 -12.74
C LYS A 41 16.49 -26.50 -13.45
N ALA A 42 17.09 -25.46 -12.88
CA ALA A 42 17.01 -24.15 -13.53
C ALA A 42 17.94 -24.10 -14.73
N ILE A 43 17.57 -23.25 -15.69
CA ILE A 43 18.45 -22.96 -16.82
C ILE A 43 18.56 -21.45 -16.92
N ASN A 44 19.54 -21.00 -17.69
CA ASN A 44 19.74 -19.56 -17.78
C ASN A 44 18.49 -18.85 -18.24
N GLY A 45 18.34 -17.63 -17.72
CA GLY A 45 17.27 -16.77 -18.12
C GLY A 45 17.75 -15.42 -18.60
N CYS A 46 16.79 -14.49 -18.77
CA CYS A 46 17.11 -13.14 -19.22
C CYS A 46 15.97 -12.20 -18.80
N ILE A 47 16.35 -10.94 -18.56
CA ILE A 47 15.42 -9.83 -18.42
C ILE A 47 15.35 -9.16 -19.78
N PHE A 48 14.14 -8.88 -20.26
CA PHE A 48 13.92 -8.25 -21.56
C PHE A 48 13.51 -6.81 -21.30
N THR A 49 14.42 -5.88 -21.54
CA THR A 49 14.20 -4.46 -21.31
C THR A 49 14.38 -3.75 -22.64
N LEU A 50 13.31 -3.16 -23.14
CA LEU A 50 13.25 -2.65 -24.49
C LEU A 50 12.79 -1.21 -24.55
N ASN A 51 13.51 -0.37 -25.29
CA ASN A 51 13.01 0.97 -25.63
C ASN A 51 12.20 0.84 -26.92
N PRO A 52 10.89 1.05 -26.90
CA PRO A 52 10.08 0.77 -28.08
C PRO A 52 10.27 1.80 -29.18
N LYS A 53 10.83 2.95 -28.87
CA LYS A 53 11.02 3.99 -29.86
C LYS A 53 12.27 3.73 -30.67
N THR A 54 13.35 3.34 -30.01
CA THR A 54 14.64 3.14 -30.66
C THR A 54 14.92 1.70 -31.03
N GLY A 55 14.26 0.74 -30.40
CA GLY A 55 14.55 -0.67 -30.58
C GLY A 55 15.68 -1.17 -29.72
N HIS A 56 16.28 -0.32 -28.91
CA HIS A 56 17.39 -0.73 -28.06
C HIS A 56 16.90 -1.73 -27.03
N LEU A 57 17.52 -2.90 -27.05
CA LEU A 57 17.22 -4.01 -26.16
C LEU A 57 18.41 -4.23 -25.22
N PHE A 58 18.17 -4.07 -23.94
CA PHE A 58 19.14 -4.35 -22.89
C PHE A 58 18.82 -5.74 -22.35
N LEU A 59 19.57 -6.75 -22.80
CA LEU A 59 19.25 -8.14 -22.47
C LEU A 59 20.18 -8.54 -21.32
N LYS A 60 19.64 -8.52 -20.11
CA LYS A 60 20.42 -8.98 -18.96
C LYS A 60 20.25 -10.48 -18.81
N ILE A 61 21.37 -11.18 -18.92
CA ILE A 61 21.33 -12.63 -18.81
C ILE A 61 21.42 -13.02 -17.34
N ILE A 62 20.50 -13.89 -16.96
CA ILE A 62 20.39 -14.36 -15.59
C ILE A 62 20.97 -15.78 -15.57
N HIS A 63 22.15 -15.91 -15.02
CA HIS A 63 22.85 -17.17 -14.94
C HIS A 63 22.26 -17.97 -13.76
N THR A 64 22.26 -19.30 -13.89
CA THR A 64 21.63 -20.12 -12.84
C THR A 64 22.27 -19.99 -11.49
N SER A 65 23.53 -19.54 -11.43
CA SER A 65 24.20 -19.42 -10.15
C SER A 65 23.48 -18.44 -9.23
N VAL A 66 22.71 -17.50 -9.76
N VAL A 66 22.77 -17.47 -9.79
CA VAL A 66 22.04 -16.51 -8.93
CA VAL A 66 21.99 -16.50 -9.01
C VAL A 66 20.91 -17.12 -8.09
C VAL A 66 21.13 -17.24 -8.00
N TRP A 67 20.48 -18.31 -8.44
CA TRP A 67 19.48 -19.02 -7.65
C TRP A 67 20.08 -19.93 -6.59
N ALA A 68 21.41 -20.15 -6.56
CA ALA A 68 21.95 -21.21 -5.73
C ALA A 68 21.66 -20.92 -4.26
N GLY A 69 21.05 -21.89 -3.58
CA GLY A 69 20.82 -21.74 -2.15
C GLY A 69 19.71 -20.78 -1.78
N GLN A 70 18.94 -20.32 -2.75
CA GLN A 70 17.83 -19.42 -2.49
C GLN A 70 16.52 -20.18 -2.46
N LYS A 71 15.59 -19.64 -1.68
CA LYS A 71 14.23 -20.17 -1.58
C LYS A 71 13.27 -19.24 -2.28
N ARG A 72 12.08 -19.75 -2.60
CA ARG A 72 10.95 -19.00 -3.16
C ARG A 72 11.39 -18.26 -4.42
N LEU A 73 11.89 -19.04 -5.37
CA LEU A 73 12.60 -18.45 -6.50
C LEU A 73 11.67 -17.65 -7.40
N SER A 74 10.42 -18.08 -7.60
CA SER A 74 9.52 -17.27 -8.41
C SER A 74 9.38 -15.87 -7.82
N GLN A 75 9.33 -15.75 -6.49
CA GLN A 75 9.22 -14.42 -5.91
C GLN A 75 10.55 -13.69 -5.98
N LEU A 76 11.65 -14.41 -5.77
CA LEU A 76 12.94 -13.77 -5.86
C LEU A 76 13.19 -13.24 -7.25
N ALA A 77 12.72 -13.97 -8.27
CA ALA A 77 12.97 -13.55 -9.66
C ALA A 77 12.43 -12.16 -9.93
N LYS A 78 11.25 -11.84 -9.35
CA LYS A 78 10.71 -10.50 -9.56
C LYS A 78 11.59 -9.43 -8.92
N TRP A 79 12.13 -9.67 -7.70
CA TRP A 79 13.02 -8.69 -7.06
C TRP A 79 14.41 -8.61 -7.72
N LYS A 80 14.98 -9.73 -8.12
CA LYS A 80 16.22 -9.70 -8.92
C LYS A 80 16.03 -8.88 -10.20
N THR A 81 14.89 -9.08 -10.90
CA THR A 81 14.58 -8.27 -12.10
C THR A 81 14.59 -6.81 -11.74
N ALA A 82 13.89 -6.45 -10.67
CA ALA A 82 13.79 -5.07 -10.25
C ALA A 82 15.16 -4.52 -9.87
N GLU A 83 15.98 -5.32 -9.17
CA GLU A 83 17.33 -4.91 -8.83
C GLU A 83 18.15 -4.62 -10.12
N GLU A 84 18.08 -5.52 -11.10
CA GLU A 84 18.85 -5.34 -12.35
C GLU A 84 18.36 -4.15 -13.16
N VAL A 85 17.04 -3.92 -13.24
CA VAL A 85 16.55 -2.75 -13.96
C VAL A 85 17.00 -1.47 -13.27
N SER A 86 16.95 -1.45 -11.93
N SER A 86 16.92 -1.46 -11.92
CA SER A 86 17.37 -0.24 -11.21
CA SER A 86 17.37 -0.31 -11.15
C SER A 86 18.87 -0.03 -11.35
C SER A 86 18.85 -0.05 -11.36
N ALA A 87 19.67 -1.11 -11.37
CA ALA A 87 21.09 -0.96 -11.67
C ALA A 87 21.32 -0.40 -13.08
N LEU A 88 20.54 -0.83 -14.04
CA LEU A 88 20.68 -0.31 -15.41
C LEU A 88 20.39 1.18 -15.49
N VAL A 89 19.26 1.61 -14.89
CA VAL A 89 18.94 3.03 -14.91
C VAL A 89 20.06 3.83 -14.26
N ARG A 90 20.56 3.35 -13.12
CA ARG A 90 21.64 4.07 -12.44
C ARG A 90 22.89 4.16 -13.30
N SER A 91 23.12 3.18 -14.16
CA SER A 91 24.30 3.21 -15.02
C SER A 91 24.15 4.16 -16.19
N LEU A 92 22.96 4.62 -16.49
CA LEU A 92 22.79 5.46 -17.66
C LEU A 92 23.02 6.92 -17.28
N PRO A 93 23.56 7.73 -18.18
CA PRO A 93 23.54 9.18 -17.96
C PRO A 93 22.13 9.68 -17.71
N LYS A 94 22.03 10.78 -16.97
CA LYS A 94 20.72 11.31 -16.59
C LYS A 94 19.86 11.52 -17.82
N GLU A 95 20.41 12.10 -18.87
CA GLU A 95 19.60 12.38 -20.05
C GLU A 95 19.19 11.12 -20.81
N GLU A 96 19.72 9.93 -20.48
CA GLU A 96 19.24 8.67 -21.09
C GLU A 96 18.33 7.87 -20.16
N GLN A 97 18.16 8.29 -18.93
CA GLN A 97 17.28 7.54 -18.05
C GLN A 97 15.82 7.66 -18.50
N PRO A 98 15.05 6.60 -18.33
CA PRO A 98 13.66 6.66 -18.76
C PRO A 98 12.87 7.57 -17.86
N LYS A 99 11.82 8.15 -18.43
N LYS A 99 11.82 8.14 -18.43
CA LYS A 99 10.81 8.85 -17.64
CA LYS A 99 10.82 8.84 -17.62
C LYS A 99 9.70 7.91 -17.16
C LYS A 99 9.73 7.91 -17.15
N GLN A 100 9.53 6.78 -17.83
CA GLN A 100 8.56 5.78 -17.44
C GLN A 100 9.16 4.40 -17.69
N ILE A 101 8.79 3.45 -16.85
CA ILE A 101 9.08 2.03 -17.06
C ILE A 101 7.75 1.32 -17.03
N ILE A 102 7.44 0.59 -18.09
CA ILE A 102 6.19 -0.16 -18.21
C ILE A 102 6.52 -1.65 -18.04
N VAL A 103 5.92 -2.28 -17.01
CA VAL A 103 6.16 -3.69 -16.74
C VAL A 103 5.08 -4.50 -17.43
N THR A 104 5.45 -5.65 -17.99
CA THR A 104 4.43 -6.42 -18.69
C THR A 104 3.58 -7.27 -17.75
N ARG A 105 3.99 -7.45 -16.50
CA ARG A 105 3.18 -8.16 -15.51
C ARG A 105 3.03 -7.33 -14.26
N LYS A 106 1.80 -7.21 -13.72
CA LYS A 106 1.55 -6.33 -12.59
C LYS A 106 2.30 -6.76 -11.33
N ALA A 107 2.65 -8.03 -11.21
CA ALA A 107 3.47 -8.45 -10.07
C ALA A 107 4.85 -7.81 -10.03
N MET A 108 5.34 -7.19 -11.12
CA MET A 108 6.58 -6.46 -11.08
C MET A 108 6.42 -5.05 -10.53
N LEU A 109 5.20 -4.58 -10.31
CA LEU A 109 5.03 -3.18 -9.93
C LEU A 109 5.69 -2.88 -8.58
N ASP A 110 5.34 -3.64 -7.55
CA ASP A 110 5.87 -3.28 -6.23
C ASP A 110 7.38 -3.51 -6.12
N PRO A 111 7.91 -4.62 -6.63
CA PRO A 111 9.37 -4.80 -6.58
C PRO A 111 10.11 -3.68 -7.30
N LEU A 112 9.59 -3.24 -8.45
CA LEU A 112 10.28 -2.18 -9.17
C LEU A 112 10.11 -0.85 -8.45
N GLU A 113 8.89 -0.56 -7.96
CA GLU A 113 8.70 0.70 -7.25
C GLU A 113 9.65 0.81 -6.05
N VAL A 114 9.81 -0.28 -5.30
CA VAL A 114 10.67 -0.24 -4.13
C VAL A 114 12.11 -0.03 -4.54
N HIS A 115 12.56 -0.74 -5.57
CA HIS A 115 13.95 -0.57 -6.01
C HIS A 115 14.20 0.82 -6.61
N MET A 116 13.16 1.51 -7.06
CA MET A 116 13.34 2.79 -7.70
C MET A 116 12.91 3.95 -6.82
N LEU A 117 12.83 3.75 -5.48
CA LEU A 117 12.40 4.87 -4.64
C LEU A 117 13.30 6.09 -4.79
N ASP A 118 14.57 5.86 -5.13
CA ASP A 118 15.54 6.91 -5.40
C ASP A 118 15.20 7.73 -6.65
N PHE A 119 14.24 7.28 -7.46
CA PHE A 119 13.88 7.96 -8.70
C PHE A 119 12.39 8.26 -8.69
N PRO A 120 11.95 9.15 -7.81
CA PRO A 120 10.51 9.42 -7.68
C PRO A 120 9.88 10.03 -8.93
N ASN A 121 10.69 10.61 -9.82
CA ASN A 121 10.19 11.15 -11.06
C ASN A 121 10.05 10.11 -12.17
N ILE A 122 10.51 8.87 -11.96
CA ILE A 122 10.33 7.83 -12.96
C ILE A 122 9.02 7.09 -12.67
N ALA A 123 8.05 7.18 -13.59
CA ALA A 123 6.77 6.51 -13.39
C ALA A 123 6.88 5.03 -13.71
N ILE A 124 6.36 4.19 -12.82
CA ILE A 124 6.33 2.75 -13.01
C ILE A 124 4.89 2.37 -13.34
N ARG A 125 4.67 1.79 -14.54
CA ARG A 125 3.30 1.58 -15.01
C ARG A 125 3.11 0.13 -15.43
N PRO A 126 1.91 -0.43 -15.19
CA PRO A 126 1.52 -1.68 -15.85
C PRO A 126 0.90 -1.41 -17.22
N THR A 127 0.50 -2.47 -17.91
CA THR A 127 -0.22 -2.33 -19.18
C THR A 127 -1.32 -3.37 -19.31
N GLU A 128 -2.41 -2.97 -20.01
N GLU A 128 -2.40 -2.99 -20.01
CA GLU A 128 -3.48 -3.87 -20.39
CA GLU A 128 -3.44 -3.94 -20.36
C GLU A 128 -3.21 -4.57 -21.73
C GLU A 128 -3.18 -4.63 -21.70
N LEU A 129 -2.10 -4.26 -22.39
CA LEU A 129 -1.74 -4.95 -23.62
C LEU A 129 -1.16 -6.31 -23.30
N ARG A 130 -1.54 -7.31 -24.10
CA ARG A 130 -0.99 -8.66 -23.95
C ARG A 130 0.21 -8.76 -24.91
N LEU A 131 1.36 -8.28 -24.44
CA LEU A 131 2.51 -8.21 -25.36
C LEU A 131 3.26 -9.55 -25.40
N PRO A 132 3.73 -9.95 -26.58
CA PRO A 132 4.31 -11.29 -26.71
C PRO A 132 5.77 -11.38 -26.38
N PHE A 133 6.30 -10.57 -25.48
CA PHE A 133 7.73 -10.57 -25.25
C PHE A 133 8.28 -11.89 -24.69
N SER A 134 7.44 -12.73 -24.09
CA SER A 134 7.96 -14.03 -23.65
C SER A 134 8.59 -14.78 -24.83
N ALA A 135 8.10 -14.54 -26.04
CA ALA A 135 8.67 -15.26 -27.20
C ALA A 135 10.04 -14.75 -27.60
N ALA A 136 10.68 -13.84 -26.85
CA ALA A 136 12.02 -13.40 -27.18
C ALA A 136 13.02 -14.54 -27.26
N MET A 137 12.82 -15.59 -26.48
CA MET A 137 13.74 -16.70 -26.51
C MET A 137 13.53 -17.57 -27.72
N SER A 138 12.54 -17.28 -28.55
CA SER A 138 12.44 -17.93 -29.84
C SER A 138 13.23 -17.23 -30.93
N ILE A 139 13.89 -16.11 -30.63
CA ILE A 139 14.81 -15.49 -31.57
C ILE A 139 16.16 -16.17 -31.38
N ASP A 140 16.68 -16.81 -32.44
CA ASP A 140 17.77 -17.75 -32.29
C ASP A 140 19.00 -17.11 -31.67
N LYS A 141 19.39 -15.93 -32.16
CA LYS A 141 20.59 -15.31 -31.61
C LYS A 141 20.44 -14.92 -30.13
N LEU A 142 19.22 -14.54 -29.70
CA LEU A 142 19.03 -14.20 -28.29
C LEU A 142 19.06 -15.47 -27.43
N SER A 143 18.33 -16.50 -27.83
CA SER A 143 18.44 -17.78 -27.15
C SER A 143 19.89 -18.28 -27.05
N ASP A 144 20.68 -18.12 -28.12
CA ASP A 144 22.05 -18.62 -28.14
C ASP A 144 22.90 -17.93 -27.10
N VAL A 145 22.78 -16.62 -26.96
CA VAL A 145 23.67 -15.95 -26.03
C VAL A 145 23.27 -16.28 -24.61
N VAL A 146 21.96 -16.42 -24.37
CA VAL A 146 21.49 -16.75 -23.02
C VAL A 146 22.00 -18.17 -22.60
N MET A 147 21.85 -19.13 -23.52
N MET A 147 21.83 -19.14 -23.50
N MET A 147 21.83 -19.15 -23.49
CA MET A 147 22.14 -20.53 -23.24
CA MET A 147 22.17 -20.52 -23.15
CA MET A 147 22.20 -20.52 -23.10
C MET A 147 23.65 -20.80 -23.15
C MET A 147 23.68 -20.72 -23.02
C MET A 147 23.69 -20.70 -22.98
N LYS A 148 24.49 -19.98 -23.79
CA LYS A 148 25.93 -20.14 -23.71
C LYS A 148 26.57 -19.41 -22.52
N ALA A 149 25.84 -18.55 -21.81
CA ALA A 149 26.47 -17.72 -20.80
C ALA A 149 26.90 -18.56 -19.60
N THR A 150 28.11 -18.31 -19.11
CA THR A 150 28.67 -18.97 -17.95
C THR A 150 28.72 -18.05 -16.74
N GLU A 151 28.27 -16.82 -16.87
CA GLU A 151 28.32 -15.84 -15.80
C GLU A 151 27.27 -14.78 -16.11
N PRO A 152 26.81 -14.03 -15.11
CA PRO A 152 25.95 -12.87 -15.41
C PRO A 152 26.59 -11.98 -16.48
N GLN A 153 25.74 -11.46 -17.37
CA GLN A 153 26.22 -10.74 -18.54
C GLN A 153 25.08 -9.90 -19.05
N MET A 154 25.40 -8.68 -19.50
CA MET A 154 24.44 -7.84 -20.23
C MET A 154 24.85 -7.82 -21.70
N VAL A 155 23.93 -8.11 -22.58
CA VAL A 155 24.16 -8.03 -24.04
C VAL A 155 23.18 -7.02 -24.64
N LEU A 156 23.70 -6.19 -25.54
CA LEU A 156 22.91 -5.14 -26.17
C LEU A 156 22.57 -5.51 -27.61
N PHE A 157 21.31 -5.30 -27.98
CA PHE A 157 20.81 -5.59 -29.31
C PHE A 157 19.95 -4.41 -29.78
N ASN A 158 19.85 -4.23 -31.10
CA ASN A 158 18.72 -3.47 -31.64
C ASN A 158 17.74 -4.49 -32.19
N ILE A 159 16.60 -4.66 -31.52
CA ILE A 159 15.64 -5.64 -31.96
C ILE A 159 14.91 -5.26 -33.23
N TYR A 160 15.14 -4.05 -33.73
CA TYR A 160 14.55 -3.64 -35.01
C TYR A 160 15.55 -3.73 -36.18
N ASP A 161 16.72 -4.31 -35.95
CA ASP A 161 17.78 -4.33 -36.97
C ASP A 161 17.91 -2.92 -37.54
N ASP A 162 17.88 -2.73 -38.85
CA ASP A 162 17.98 -1.42 -39.48
C ASP A 162 16.63 -0.90 -39.97
N TRP A 163 15.51 -1.42 -39.41
CA TRP A 163 14.21 -1.09 -39.97
C TRP A 163 13.91 0.40 -39.86
N LEU A 164 14.39 1.06 -38.81
CA LEU A 164 14.03 2.46 -38.65
C LEU A 164 14.61 3.36 -39.74
N ASP A 165 15.52 2.85 -40.58
CA ASP A 165 15.93 3.59 -41.78
C ASP A 165 14.79 3.77 -42.75
N ARG A 166 13.82 2.88 -42.73
CA ARG A 166 12.77 2.85 -43.74
C ARG A 166 11.37 3.00 -43.18
N ILE A 167 11.14 2.72 -41.90
CA ILE A 167 9.78 2.74 -41.34
C ILE A 167 9.81 3.45 -39.99
N SER A 168 8.61 3.85 -39.54
CA SER A 168 8.53 4.54 -38.26
C SER A 168 8.60 3.56 -37.09
N SER A 169 8.89 4.10 -35.92
N SER A 169 8.87 4.10 -35.90
CA SER A 169 8.91 3.27 -34.72
CA SER A 169 8.93 3.24 -34.72
C SER A 169 7.58 2.58 -34.54
C SER A 169 7.57 2.61 -34.44
N TYR A 170 6.47 3.29 -34.78
CA TYR A 170 5.18 2.67 -34.62
C TYR A 170 5.07 1.42 -35.48
N THR A 171 5.46 1.54 -36.74
CA THR A 171 5.40 0.40 -37.64
C THR A 171 6.41 -0.67 -37.26
N ALA A 172 7.59 -0.24 -36.82
CA ALA A 172 8.60 -1.20 -36.36
C ALA A 172 8.12 -2.01 -35.15
N PHE A 173 7.49 -1.34 -34.18
CA PHE A 173 6.94 -2.05 -33.06
C PHE A 173 5.82 -2.99 -33.47
N SER A 174 4.97 -2.56 -34.42
CA SER A 174 3.87 -3.42 -34.88
C SER A 174 4.41 -4.68 -35.54
N ARG A 175 5.44 -4.53 -36.38
CA ARG A 175 6.09 -5.70 -36.97
C ARG A 175 6.67 -6.62 -35.91
N LEU A 176 7.41 -6.06 -34.95
CA LEU A 176 8.03 -6.87 -33.92
C LEU A 176 6.99 -7.68 -33.15
N THR A 177 5.90 -7.02 -32.74
CA THR A 177 4.88 -7.70 -31.96
C THR A 177 4.17 -8.74 -32.81
N LEU A 178 3.95 -8.45 -34.10
CA LEU A 178 3.42 -9.49 -34.97
C LEU A 178 4.36 -10.69 -35.10
N LEU A 179 5.66 -10.45 -35.27
CA LEU A 179 6.58 -11.58 -35.38
C LEU A 179 6.59 -12.38 -34.08
N LEU A 180 6.59 -11.69 -32.94
CA LEU A 180 6.67 -12.40 -31.67
C LEU A 180 5.36 -13.09 -31.35
N ARG A 181 4.23 -12.44 -31.59
CA ARG A 181 2.95 -13.14 -31.47
C ARG A 181 2.96 -14.43 -32.29
N ALA A 182 3.45 -14.40 -33.54
CA ALA A 182 3.48 -15.61 -34.34
C ALA A 182 4.41 -16.67 -33.74
N LEU A 183 5.62 -16.27 -33.36
CA LEU A 183 6.53 -17.21 -32.74
C LEU A 183 5.93 -17.81 -31.47
N LYS A 184 5.13 -17.04 -30.74
CA LYS A 184 4.54 -17.57 -29.52
C LYS A 184 3.40 -18.54 -29.82
N THR A 185 2.65 -18.33 -30.90
N THR A 185 2.66 -18.34 -30.91
CA THR A 185 1.50 -19.19 -31.17
CA THR A 185 1.51 -19.20 -31.16
C THR A 185 1.91 -20.49 -31.84
C THR A 185 1.89 -20.49 -31.85
N ASN A 186 2.91 -20.45 -32.71
CA ASN A 186 3.37 -21.65 -33.42
C ASN A 186 4.81 -21.33 -33.87
N GLU A 187 5.76 -21.71 -33.03
CA GLU A 187 7.14 -21.34 -33.28
C GLU A 187 7.67 -22.00 -34.54
N GLU A 188 7.38 -23.28 -34.74
CA GLU A 188 7.92 -23.96 -35.91
C GLU A 188 7.39 -23.33 -37.20
N SER A 189 6.07 -23.16 -37.28
CA SER A 189 5.50 -22.50 -38.45
C SER A 189 6.09 -21.10 -38.64
N ALA A 190 6.19 -20.33 -37.55
CA ALA A 190 6.71 -18.98 -37.68
C ALA A 190 8.13 -18.98 -38.21
N LYS A 191 8.97 -19.88 -37.70
CA LYS A 191 10.36 -19.91 -38.15
C LYS A 191 10.46 -20.43 -39.58
N MET A 192 9.65 -21.41 -39.94
CA MET A 192 9.60 -21.86 -41.33
CA MET A 192 9.60 -21.86 -41.33
C MET A 192 9.31 -20.68 -42.26
N ILE A 193 8.30 -19.86 -41.91
CA ILE A 193 7.99 -18.67 -42.72
C ILE A 193 9.22 -17.79 -42.87
N LEU A 194 9.93 -17.54 -41.77
CA LEU A 194 10.98 -16.53 -41.78
C LEU A 194 12.21 -16.98 -42.57
N LEU A 195 12.48 -18.28 -42.62
CA LEU A 195 13.72 -18.79 -43.18
C LEU A 195 13.53 -19.65 -44.43
N SER A 196 12.32 -19.75 -44.96
CA SER A 196 12.07 -20.69 -46.04
C SER A 196 12.97 -20.42 -47.24
N ASP A 197 13.20 -19.14 -47.55
CA ASP A 197 13.92 -18.74 -48.76
C ASP A 197 15.40 -18.63 -48.47
N PRO A 198 16.21 -19.60 -48.88
CA PRO A 198 17.64 -19.59 -48.49
C PRO A 198 18.39 -18.33 -48.91
N THR A 199 17.87 -17.57 -49.88
CA THR A 199 18.60 -16.43 -50.41
C THR A 199 18.46 -15.17 -49.58
N ILE A 200 17.49 -15.11 -48.67
CA ILE A 200 17.32 -13.97 -47.79
C ILE A 200 18.06 -14.31 -46.52
N THR A 201 19.15 -13.60 -46.23
CA THR A 201 19.98 -13.97 -45.10
C THR A 201 19.80 -12.99 -43.95
N ILE A 202 20.26 -13.43 -42.79
CA ILE A 202 20.35 -12.61 -41.59
C ILE A 202 21.78 -12.11 -41.50
N LYS A 203 21.95 -10.78 -41.51
CA LYS A 203 23.29 -10.24 -41.45
C LYS A 203 23.87 -10.56 -40.08
N SER A 204 25.21 -10.60 -40.02
CA SER A 204 25.84 -10.99 -38.78
C SER A 204 25.42 -10.08 -37.63
N TYR A 205 25.22 -8.79 -37.89
CA TYR A 205 24.89 -7.84 -36.83
C TYR A 205 23.37 -7.62 -36.68
N HIS A 206 22.55 -8.52 -37.22
CA HIS A 206 21.10 -8.43 -37.16
C HIS A 206 20.50 -9.66 -36.50
N LEU A 207 19.21 -9.53 -36.18
CA LEU A 207 18.44 -10.63 -35.62
C LEU A 207 17.52 -11.28 -36.62
N TRP A 208 17.00 -10.52 -37.58
CA TRP A 208 15.99 -10.97 -38.51
C TRP A 208 16.57 -10.91 -39.93
N PRO A 209 16.00 -11.63 -40.86
CA PRO A 209 16.48 -11.56 -42.24
C PRO A 209 16.31 -10.20 -42.92
N SER A 210 17.08 -10.04 -44.00
CA SER A 210 17.17 -8.79 -44.76
C SER A 210 16.11 -8.68 -45.86
N PHE A 211 14.86 -8.69 -45.45
CA PHE A 211 13.74 -8.60 -46.39
C PHE A 211 13.66 -7.21 -46.99
N THR A 212 13.32 -7.13 -48.28
CA THR A 212 12.93 -5.86 -48.85
C THR A 212 11.55 -5.44 -48.31
N ASP A 213 11.15 -4.22 -48.68
CA ASP A 213 9.85 -3.72 -48.26
C ASP A 213 8.74 -4.65 -48.75
N GLU A 214 8.83 -5.13 -49.99
CA GLU A 214 7.79 -5.98 -50.54
C GLU A 214 7.78 -7.32 -49.83
N GLN A 215 8.97 -7.87 -49.60
CA GLN A 215 9.05 -9.14 -48.91
C GLN A 215 8.54 -9.05 -47.48
N TRP A 216 8.70 -7.90 -46.82
CA TRP A 216 8.17 -7.75 -45.47
C TRP A 216 6.64 -7.79 -45.48
N ILE A 217 6.03 -7.18 -46.50
CA ILE A 217 4.57 -7.25 -46.61
C ILE A 217 4.13 -8.70 -46.78
N THR A 218 4.81 -9.45 -47.65
CA THR A 218 4.46 -10.87 -47.77
C THR A 218 4.64 -11.57 -46.42
N ILE A 219 5.80 -11.42 -45.79
CA ILE A 219 6.05 -12.03 -44.49
C ILE A 219 4.96 -11.62 -43.50
N GLU A 220 4.70 -10.31 -43.38
CA GLU A 220 3.73 -9.86 -42.40
C GLU A 220 2.37 -10.51 -42.66
N SER A 221 1.99 -10.62 -43.95
N SER A 221 1.98 -10.60 -43.94
CA SER A 221 0.75 -11.28 -44.31
CA SER A 221 0.73 -11.29 -44.27
C SER A 221 0.75 -12.75 -43.89
C SER A 221 0.76 -12.76 -43.84
N GLN A 222 1.87 -13.45 -44.11
CA GLN A 222 1.95 -14.86 -43.74
C GLN A 222 1.88 -15.05 -42.23
N MET A 223 2.40 -14.10 -41.46
CA MET A 223 2.35 -14.20 -40.02
C MET A 223 0.93 -13.98 -39.50
N ARG A 224 0.21 -13.04 -40.10
N ARG A 224 0.18 -13.07 -40.12
CA ARG A 224 -1.20 -12.86 -39.77
CA ARG A 224 -1.20 -12.86 -39.74
C ARG A 224 -1.98 -14.14 -40.03
C ARG A 224 -2.05 -14.10 -40.05
N ASP A 225 -1.88 -14.69 -41.24
CA ASP A 225 -2.52 -15.96 -41.54
CA ASP A 225 -2.52 -15.96 -41.54
C ASP A 225 -2.25 -16.98 -40.45
N LEU A 226 -0.97 -17.21 -40.11
CA LEU A 226 -0.63 -18.17 -39.07
C LEU A 226 -1.43 -17.93 -37.80
N ILE A 227 -1.43 -16.68 -37.34
CA ILE A 227 -2.09 -16.35 -36.07
C ILE A 227 -3.60 -16.60 -36.16
N LEU A 228 -4.21 -16.26 -37.30
CA LEU A 228 -5.62 -16.60 -37.51
C LEU A 228 -5.83 -18.12 -37.61
N THR A 229 -5.00 -18.85 -38.33
CA THR A 229 -5.26 -20.26 -38.74
C THR A 229 -4.69 -21.35 -37.81
N GLU A 230 -3.82 -20.99 -36.90
CA GLU A 230 -3.35 -21.84 -35.78
C GLU A 230 -4.37 -21.73 -34.65
N TYR A 231 -4.96 -20.53 -34.60
CA TYR A 231 -6.09 -20.16 -33.74
C TYR A 231 -7.16 -21.17 -34.23
N GLY A 232 -7.40 -21.35 -35.53
CA GLY A 232 -8.35 -22.39 -36.00
C GLY A 232 -8.05 -23.80 -35.47
N ARG A 233 -6.91 -24.39 -35.79
CA ARG A 233 -6.53 -25.78 -35.37
C ARG A 233 -6.68 -26.07 -33.86
N LYS A 234 -6.38 -25.08 -33.00
CA LYS A 234 -6.54 -25.12 -31.51
C LYS A 234 -8.04 -24.91 -31.19
N TYR A 235 -8.77 -24.03 -31.92
CA TYR A 235 -10.18 -23.63 -31.66
C TYR A 235 -11.27 -23.90 -32.75
N ASN A 236 -11.45 -25.13 -33.29
CA ASN A 236 -12.51 -25.56 -34.29
C ASN A 236 -13.35 -24.48 -35.05
N VAL A 237 -12.79 -23.36 -35.55
CA VAL A 237 -13.59 -22.38 -36.29
C VAL A 237 -13.24 -22.45 -37.78
N MET B 5 -13.77 11.43 41.96
CA MET B 5 -14.69 11.61 40.79
C MET B 5 -14.86 13.08 40.43
N ASN B 6 -14.68 13.43 39.16
CA ASN B 6 -14.68 14.83 38.73
C ASN B 6 -15.88 15.11 37.84
N THR B 7 -16.01 16.38 37.44
CA THR B 7 -17.25 16.91 36.88
C THR B 7 -16.95 17.85 35.73
N VAL B 8 -17.76 17.77 34.68
CA VAL B 8 -17.72 18.72 33.59
C VAL B 8 -19.08 19.38 33.51
N PRO B 9 -19.24 20.53 34.13
CA PRO B 9 -20.53 21.24 34.06
C PRO B 9 -20.74 21.88 32.70
N PHE B 10 -22.01 22.06 32.37
CA PHE B 10 -22.43 22.74 31.16
C PHE B 10 -23.14 24.02 31.55
N THR B 11 -22.83 25.11 30.89
CA THR B 11 -23.57 26.33 31.16
C THR B 11 -25.04 26.14 30.85
N SER B 12 -25.35 25.44 29.76
CA SER B 12 -26.71 25.20 29.29
C SER B 12 -26.64 24.34 28.05
N ALA B 13 -27.82 23.92 27.57
CA ALA B 13 -27.96 23.12 26.35
C ALA B 13 -28.98 23.78 25.42
N PRO B 14 -28.59 24.88 24.76
CA PRO B 14 -29.55 25.62 23.93
C PRO B 14 -29.96 24.93 22.67
N ILE B 15 -29.18 23.99 22.17
CA ILE B 15 -29.53 23.27 20.95
C ILE B 15 -29.52 21.78 21.22
N GLU B 16 -30.51 21.12 20.64
CA GLU B 16 -30.64 19.68 20.64
C GLU B 16 -29.38 19.04 20.09
N VAL B 17 -28.89 18.06 20.83
CA VAL B 17 -27.59 17.46 20.58
C VAL B 17 -27.57 16.11 21.23
N THR B 18 -26.92 15.17 20.57
CA THR B 18 -26.52 13.95 21.21
C THR B 18 -25.12 14.14 21.80
N ILE B 19 -25.01 13.94 23.11
CA ILE B 19 -23.73 14.08 23.83
C ILE B 19 -23.16 12.71 24.12
N GLY B 20 -21.89 12.52 23.81
CA GLY B 20 -21.16 11.32 24.16
C GLY B 20 -20.15 11.61 25.25
N ILE B 21 -19.97 10.68 26.17
CA ILE B 21 -18.87 10.75 27.12
C ILE B 21 -18.24 9.36 27.10
N ASP B 22 -17.02 9.26 26.61
CA ASP B 22 -16.37 7.95 26.41
C ASP B 22 -17.33 7.11 25.57
N GLN B 23 -17.56 5.85 25.92
CA GLN B 23 -18.40 5.01 25.08
C GLN B 23 -19.91 5.16 25.38
N TYR B 24 -20.31 6.11 26.21
CA TYR B 24 -21.70 6.35 26.54
C TYR B 24 -22.24 7.51 25.72
N SER B 25 -23.57 7.64 25.68
CA SER B 25 -24.16 8.78 24.99
C SER B 25 -25.63 8.91 25.36
N PHE B 26 -26.14 10.13 25.20
CA PHE B 26 -27.51 10.41 25.61
C PHE B 26 -27.99 11.65 24.88
N ASN B 27 -29.31 11.81 24.83
CA ASN B 27 -29.95 12.84 24.03
C ASN B 27 -30.41 13.98 24.92
N VAL B 28 -30.04 15.21 24.56
CA VAL B 28 -30.49 16.39 25.26
C VAL B 28 -31.39 17.19 24.31
N LYS B 29 -32.59 17.50 24.77
CA LYS B 29 -33.49 18.26 23.92
C LYS B 29 -33.17 19.75 24.00
N GLU B 30 -33.46 20.46 22.92
CA GLU B 30 -33.25 21.89 22.85
C GLU B 30 -33.82 22.59 24.08
N ASN B 31 -32.96 23.32 24.81
CA ASN B 31 -33.33 24.01 26.05
C ASN B 31 -33.85 23.04 27.12
N GLN B 32 -33.25 21.94 27.23
CA GLN B 32 -33.53 21.06 28.37
C GLN B 32 -32.59 21.39 29.53
N PRO B 33 -33.03 21.19 30.79
CA PRO B 33 -32.24 21.64 31.94
C PRO B 33 -30.99 20.80 32.25
N PHE B 34 -30.13 20.69 31.27
CA PHE B 34 -28.93 19.88 31.38
C PHE B 34 -27.77 20.74 31.78
N HIS B 35 -27.08 20.36 32.86
CA HIS B 35 -25.94 21.14 33.30
C HIS B 35 -24.70 20.30 33.52
N GLY B 36 -24.59 19.17 32.84
CA GLY B 36 -23.29 18.51 32.69
C GLY B 36 -23.23 17.10 33.20
N ILE B 37 -22.02 16.63 33.41
CA ILE B 37 -21.72 15.23 33.67
C ILE B 37 -20.87 15.14 34.92
N LYS B 38 -21.28 14.26 35.85
CA LYS B 38 -20.63 14.15 37.14
C LYS B 38 -20.09 12.72 37.30
N ASP B 39 -19.28 12.49 38.34
CA ASP B 39 -18.78 11.17 38.70
C ASP B 39 -17.86 10.59 37.61
N ILE B 40 -17.10 11.45 36.95
CA ILE B 40 -16.24 10.98 35.87
C ILE B 40 -14.98 10.35 36.49
N PRO B 41 -14.66 9.12 36.13
CA PRO B 41 -13.53 8.44 36.80
C PRO B 41 -12.21 9.17 36.58
N ILE B 42 -11.55 9.42 37.66
CA ILE B 42 -10.22 10.02 37.64
C ILE B 42 -9.22 8.93 37.28
N GLY B 43 -8.19 9.30 36.55
CA GLY B 43 -7.11 8.38 36.24
C GLY B 43 -7.03 8.00 34.79
N HIS B 44 -8.00 8.42 33.98
CA HIS B 44 -8.07 8.05 32.58
C HIS B 44 -8.24 9.35 31.82
N VAL B 45 -7.83 9.35 30.57
N VAL B 45 -7.76 9.38 30.58
CA VAL B 45 -8.23 10.38 29.62
CA VAL B 45 -8.24 10.42 29.68
C VAL B 45 -9.66 10.11 29.17
C VAL B 45 -9.73 10.17 29.40
N HIS B 46 -10.39 11.17 28.87
CA HIS B 46 -11.80 11.07 28.51
C HIS B 46 -12.06 11.87 27.24
N VAL B 47 -13.18 11.58 26.61
CA VAL B 47 -13.59 12.33 25.45
C VAL B 47 -15.06 12.66 25.60
N ILE B 48 -15.40 13.93 25.44
N ILE B 48 -15.40 13.94 25.50
CA ILE B 48 -16.78 14.38 25.40
CA ILE B 48 -16.78 14.39 25.41
C ILE B 48 -17.05 14.89 23.99
C ILE B 48 -17.00 14.82 23.97
N HIS B 49 -18.13 14.39 23.39
CA HIS B 49 -18.32 14.60 21.96
C HIS B 49 -19.77 14.89 21.65
N PHE B 50 -20.00 15.45 20.45
CA PHE B 50 -21.28 16.07 20.18
C PHE B 50 -21.73 15.77 18.76
N GLN B 51 -23.03 15.60 18.58
CA GLN B 51 -23.59 15.53 17.23
C GLN B 51 -24.93 16.26 17.27
N HIS B 52 -25.01 17.37 16.58
CA HIS B 52 -26.23 18.15 16.60
C HIS B 52 -27.37 17.39 15.94
N ALA B 53 -28.59 17.58 16.50
CA ALA B 53 -29.74 16.89 15.93
C ALA B 53 -30.00 17.40 14.52
N ASP B 54 -29.77 18.69 14.30
CA ASP B 54 -30.14 19.32 13.04
C ASP B 54 -29.11 19.15 11.94
N ASN B 55 -27.85 18.82 12.28
CA ASN B 55 -26.85 18.57 11.25
C ASN B 55 -25.93 17.44 11.74
N SER B 56 -26.37 16.20 11.52
CA SER B 56 -25.53 15.06 11.83
C SER B 56 -24.19 15.15 11.15
N SER B 57 -24.07 15.99 10.12
CA SER B 57 -22.76 16.24 9.49
C SER B 57 -21.90 16.97 10.51
N MET B 58 -20.72 16.42 10.80
N MET B 58 -20.73 16.41 10.80
CA MET B 58 -19.79 17.10 11.74
CA MET B 58 -19.78 17.09 11.73
C MET B 58 -19.93 16.55 13.16
C MET B 58 -19.92 16.56 13.16
N ARG B 59 -19.18 15.49 13.46
CA ARG B 59 -19.19 14.98 14.87
C ARG B 59 -17.92 15.63 15.41
N TYR B 60 -17.93 16.25 16.58
CA TYR B 60 -16.75 16.94 17.13
C TYR B 60 -16.70 16.69 18.63
N GLY B 61 -15.60 17.01 19.27
CA GLY B 61 -15.44 16.68 20.69
C GLY B 61 -14.08 17.08 21.21
N TYR B 62 -13.90 16.77 22.50
CA TYR B 62 -12.77 17.26 23.29
C TYR B 62 -12.17 16.10 24.08
N TRP B 63 -10.86 15.87 23.92
CA TRP B 63 -10.09 14.98 24.77
C TRP B 63 -9.58 15.77 25.97
N PHE B 64 -9.76 15.22 27.17
CA PHE B 64 -9.37 15.99 28.33
C PHE B 64 -9.03 15.03 29.46
N ASP B 65 -8.37 15.55 30.48
CA ASP B 65 -8.04 14.78 31.69
C ASP B 65 -8.34 15.70 32.87
N CYS B 66 -9.33 15.34 33.68
CA CYS B 66 -9.76 16.20 34.79
C CYS B 66 -8.64 16.50 35.78
N ARG B 67 -7.56 15.76 35.76
CA ARG B 67 -6.47 16.10 36.68
C ARG B 67 -5.72 17.33 36.23
N MET B 68 -5.88 17.76 34.98
N MET B 68 -5.89 17.76 34.99
CA MET B 68 -5.11 18.87 34.43
CA MET B 68 -5.13 18.86 34.41
C MET B 68 -5.84 20.21 34.48
C MET B 68 -5.84 20.20 34.48
N GLY B 69 -6.98 20.28 35.13
CA GLY B 69 -7.71 21.54 35.27
C GLY B 69 -9.19 21.29 35.43
N ASN B 70 -9.91 22.38 35.73
CA ASN B 70 -11.37 22.39 35.82
C ASN B 70 -11.97 22.82 34.49
N PHE B 71 -12.69 21.92 33.85
CA PHE B 71 -13.19 22.21 32.52
C PHE B 71 -14.70 22.23 32.50
N TYR B 72 -15.25 23.06 31.63
CA TYR B 72 -16.69 23.14 31.43
C TYR B 72 -17.00 23.32 29.96
N ILE B 73 -18.28 23.13 29.62
CA ILE B 73 -18.82 23.27 28.27
C ILE B 73 -19.79 24.44 28.22
N GLN B 74 -19.72 25.22 27.15
CA GLN B 74 -20.61 26.35 26.99
C GLN B 74 -20.90 26.50 25.51
N TYR B 75 -22.17 26.59 25.16
CA TYR B 75 -22.53 26.75 23.76
C TYR B 75 -22.13 28.15 23.29
N ASP B 76 -21.53 28.21 22.12
CA ASP B 76 -21.25 29.47 21.45
C ASP B 76 -22.23 29.73 20.31
N PRO B 77 -23.10 30.72 20.39
CA PRO B 77 -24.11 30.88 19.33
C PRO B 77 -23.58 31.55 18.07
N LYS B 78 -22.35 32.07 18.10
CA LYS B 78 -21.73 32.66 16.92
C LYS B 78 -21.10 31.57 16.08
N ASP B 79 -20.27 30.75 16.72
CA ASP B 79 -19.60 29.65 16.04
C ASP B 79 -20.46 28.39 15.99
N GLY B 80 -21.54 28.33 16.76
CA GLY B 80 -22.50 27.26 16.55
C GLY B 80 -22.03 25.93 17.11
N LEU B 81 -21.23 25.94 18.16
CA LEU B 81 -20.91 24.65 18.72
C LEU B 81 -20.71 24.70 20.22
N TYR B 82 -20.80 23.54 20.81
CA TYR B 82 -20.48 23.40 22.22
C TYR B 82 -18.96 23.46 22.41
N LYS B 83 -18.48 24.40 23.21
CA LYS B 83 -17.04 24.59 23.35
C LYS B 83 -16.56 24.21 24.73
N MET B 84 -15.41 23.57 24.79
CA MET B 84 -14.78 23.33 26.08
C MET B 84 -13.94 24.53 26.50
N MET B 85 -14.03 24.87 27.77
CA MET B 85 -13.25 25.94 28.36
C MET B 85 -12.69 25.51 29.69
N GLU B 86 -11.63 26.18 30.11
CA GLU B 86 -11.05 25.97 31.44
C GLU B 86 -11.47 27.10 32.36
N GLU B 87 -11.92 26.76 33.57
CA GLU B 87 -12.22 27.75 34.59
C GLU B 87 -11.03 27.83 35.53
N ARG B 88 -10.39 29.00 35.57
CA ARG B 88 -9.20 29.18 36.38
C ARG B 88 -9.53 29.51 37.83
N ASP B 89 -10.70 30.06 38.09
CA ASP B 89 -11.13 30.41 39.45
C ASP B 89 -11.65 29.15 40.14
N GLY B 90 -10.79 28.50 40.93
CA GLY B 90 -11.15 27.22 41.51
C GLY B 90 -12.37 27.30 42.43
N ALA B 91 -12.49 28.39 43.18
CA ALA B 91 -13.62 28.53 44.09
C ALA B 91 -14.92 28.68 43.34
N LYS B 92 -14.90 29.49 42.28
CA LYS B 92 -16.09 29.67 41.46
C LYS B 92 -16.53 28.35 40.85
N PHE B 93 -15.57 27.51 40.44
CA PHE B 93 -15.91 26.23 39.82
C PHE B 93 -16.53 25.27 40.81
N GLU B 94 -15.89 25.05 41.95
CA GLU B 94 -16.48 24.19 42.97
C GLU B 94 -17.87 24.70 43.36
N ASN B 95 -18.02 26.01 43.49
CA ASN B 95 -19.32 26.55 43.84
C ASN B 95 -20.34 26.23 42.77
N ILE B 96 -20.00 26.49 41.51
CA ILE B 96 -20.91 26.19 40.41
C ILE B 96 -21.31 24.72 40.42
N VAL B 97 -20.33 23.82 40.54
CA VAL B 97 -20.64 22.40 40.48
C VAL B 97 -21.51 22.00 41.66
N HIS B 98 -21.20 22.53 42.85
CA HIS B 98 -22.00 22.19 44.03
C HIS B 98 -23.48 22.54 43.79
N ASN B 99 -23.75 23.75 43.29
CA ASN B 99 -25.16 24.15 43.06
C ASN B 99 -25.83 23.22 42.04
N PHE B 100 -25.15 22.90 40.94
CA PHE B 100 -25.76 22.04 39.93
C PHE B 100 -26.00 20.62 40.46
N LYS B 101 -25.06 20.10 41.26
CA LYS B 101 -25.28 18.80 41.86
C LYS B 101 -26.43 18.82 42.87
N GLU B 102 -26.50 19.89 43.68
CA GLU B 102 -27.60 19.99 44.66
C GLU B 102 -28.96 20.00 43.96
N ARG B 103 -29.06 20.69 42.82
CA ARG B 103 -30.32 20.68 42.07
C ARG B 103 -30.44 19.47 41.13
N GLN B 104 -29.49 18.54 41.19
CA GLN B 104 -29.53 17.28 40.43
C GLN B 104 -29.75 17.54 38.94
N MET B 105 -28.99 18.49 38.42
CA MET B 105 -29.06 18.84 36.99
C MET B 105 -27.97 18.16 36.17
N MET B 106 -27.28 17.15 36.73
CA MET B 106 -26.17 16.51 36.02
C MET B 106 -26.41 15.01 35.85
N VAL B 107 -26.04 14.49 34.69
CA VAL B 107 -26.08 13.05 34.50
C VAL B 107 -24.85 12.45 35.15
N SER B 108 -24.97 11.22 35.64
CA SER B 108 -23.86 10.50 36.23
C SER B 108 -23.14 9.64 35.20
N TYR B 109 -21.81 9.79 35.10
CA TYR B 109 -21.01 8.88 34.28
C TYR B 109 -21.33 7.45 34.71
N PRO B 110 -21.83 6.63 33.84
CA PRO B 110 -22.52 5.43 34.29
C PRO B 110 -21.64 4.23 34.23
N LYS B 111 -20.54 4.22 35.00
CA LYS B 111 -19.61 3.10 34.95
C LYS B 111 -20.12 1.97 35.85
N ILE B 112 -20.45 0.85 35.20
CA ILE B 112 -20.64 -0.41 35.89
C ILE B 112 -19.33 -0.86 36.53
N ASP B 113 -19.44 -1.48 37.71
CA ASP B 113 -18.23 -1.75 38.50
C ASP B 113 -17.39 -2.89 37.92
N GLU B 114 -18.02 -3.87 37.27
CA GLU B 114 -17.30 -4.95 36.59
C GLU B 114 -16.49 -4.45 35.39
N ASP B 115 -16.72 -3.22 34.93
CA ASP B 115 -16.49 -2.85 33.54
C ASP B 115 -15.15 -2.14 33.38
N ASP B 116 -14.20 -2.84 32.77
CA ASP B 116 -12.90 -2.26 32.46
C ASP B 116 -12.80 -1.79 31.01
N THR B 117 -13.93 -1.59 30.30
CA THR B 117 -13.84 -1.30 28.88
C THR B 117 -13.02 -0.05 28.60
N TRP B 118 -13.29 1.02 29.34
CA TRP B 118 -12.65 2.26 28.97
C TRP B 118 -11.16 2.21 29.27
N TYR B 119 -10.80 1.67 30.43
CA TYR B 119 -9.39 1.42 30.74
C TYR B 119 -8.72 0.65 29.60
N ASN B 120 -9.37 -0.41 29.13
CA ASN B 120 -8.76 -1.27 28.11
C ASN B 120 -8.64 -0.56 26.75
N LEU B 121 -9.50 0.39 26.48
CA LEU B 121 -9.40 1.16 25.23
C LEU B 121 -8.39 2.28 25.31
N THR B 122 -8.06 2.75 26.53
CA THR B 122 -7.20 3.92 26.70
C THR B 122 -5.96 3.60 27.51
N GLU B 123 -5.62 2.32 27.65
CA GLU B 123 -4.54 1.91 28.54
C GLU B 123 -3.27 2.72 28.35
N PHE B 124 -2.87 2.95 27.10
CA PHE B 124 -1.63 3.64 26.78
C PHE B 124 -1.85 5.07 26.29
N VAL B 125 -3.05 5.59 26.38
CA VAL B 125 -3.34 6.93 25.86
C VAL B 125 -3.08 7.93 26.98
N GLN B 126 -2.23 8.91 26.73
N GLN B 126 -2.19 8.89 26.74
CA GLN B 126 -1.84 9.92 27.71
CA GLN B 126 -1.82 9.92 27.67
C GLN B 126 -2.06 11.31 27.15
C GLN B 126 -2.20 11.28 27.09
N MET B 127 -2.68 12.18 27.94
CA MET B 127 -3.01 13.52 27.45
C MET B 127 -1.80 14.20 26.79
N ASP B 128 -0.62 14.06 27.39
CA ASP B 128 0.54 14.77 26.84
C ASP B 128 0.85 14.35 25.41
N LYS B 129 0.66 13.07 25.07
CA LYS B 129 0.90 12.64 23.70
C LYS B 129 -0.25 13.07 22.78
N ILE B 130 -1.47 13.11 23.30
CA ILE B 130 -2.60 13.60 22.51
C ILE B 130 -2.33 15.03 22.04
N ARG B 131 -1.82 15.88 22.95
CA ARG B 131 -1.56 17.29 22.62
C ARG B 131 -0.42 17.47 21.64
N LYS B 132 0.44 16.45 21.48
CA LYS B 132 1.46 16.52 20.42
C LYS B 132 0.89 16.12 19.07
N ILE B 133 -0.17 15.30 19.04
CA ILE B 133 -0.83 14.97 17.79
C ILE B 133 -1.82 16.06 17.39
N VAL B 134 -2.52 16.65 18.36
CA VAL B 134 -3.48 17.72 18.12
C VAL B 134 -2.85 19.00 18.69
N ARG B 135 -2.31 19.84 17.82
CA ARG B 135 -1.53 20.98 18.27
C ARG B 135 -2.43 22.18 18.52
N LYS B 136 -2.50 22.60 19.78
CA LYS B 136 -3.17 23.84 20.17
C LYS B 136 -2.74 24.17 21.58
N ASP B 137 -1.45 24.45 21.76
CA ASP B 137 -0.84 24.41 23.07
C ASP B 137 -1.49 25.35 24.09
N GLU B 138 -2.36 26.26 23.65
CA GLU B 138 -2.95 27.20 24.60
C GLU B 138 -4.05 26.58 25.46
N ASN B 139 -4.58 25.42 25.09
CA ASN B 139 -5.57 24.71 25.88
C ASN B 139 -5.01 23.40 26.42
N GLN B 140 -5.57 22.95 27.55
CA GLN B 140 -5.16 21.68 28.18
C GLN B 140 -5.96 20.50 27.67
N PHE B 141 -7.00 20.76 26.89
CA PHE B 141 -7.88 19.78 26.31
C PHE B 141 -7.68 19.90 24.80
N SER B 142 -8.02 18.86 24.05
CA SER B 142 -7.78 18.83 22.62
C SER B 142 -9.06 18.62 21.83
N TYR B 143 -9.30 19.49 20.86
CA TYR B 143 -10.45 19.38 19.95
C TYR B 143 -10.14 18.48 18.80
N VAL B 144 -11.09 17.60 18.48
CA VAL B 144 -11.03 16.77 17.27
C VAL B 144 -12.40 16.80 16.60
N ASP B 145 -12.43 16.69 15.25
CA ASP B 145 -13.70 16.50 14.57
C ASP B 145 -13.58 15.55 13.37
N SER B 146 -14.76 15.27 12.80
CA SER B 146 -14.92 14.33 11.70
C SER B 146 -14.04 14.67 10.49
N SER B 147 -13.85 15.94 10.21
CA SER B 147 -13.27 16.32 8.93
C SER B 147 -11.79 16.64 9.02
N MET B 148 -11.19 16.71 10.22
CA MET B 148 -9.77 17.02 10.30
C MET B 148 -8.96 15.97 9.55
N THR B 149 -7.97 16.44 8.80
CA THR B 149 -7.08 15.58 8.02
C THR B 149 -5.76 15.43 8.75
N THR B 150 -5.00 14.43 8.32
CA THR B 150 -3.73 14.08 8.94
C THR B 150 -2.59 14.67 8.14
N VAL B 151 -1.42 14.75 8.78
CA VAL B 151 -0.24 15.30 8.10
C VAL B 151 0.03 14.54 6.80
N GLN B 152 -0.10 13.21 6.82
CA GLN B 152 0.16 12.44 5.59
C GLN B 152 -0.95 12.65 4.58
N GLU B 153 -2.19 12.87 5.04
CA GLU B 153 -3.27 13.17 4.10
C GLU B 153 -3.00 14.49 3.39
N ASN B 154 -2.42 15.47 4.10
CA ASN B 154 -2.11 16.77 3.51
C ASN B 154 -0.93 16.71 2.55
N GLU B 155 -0.15 15.64 2.60
CA GLU B 155 0.95 15.43 1.68
C GLU B 155 0.50 14.73 0.39
N LEU B 156 -0.76 14.32 0.31
CA LEU B 156 -1.28 13.61 -0.85
C LEU B 156 -2.56 14.27 -1.37
N SER B 161 -6.05 21.36 4.06
CA SER B 161 -4.80 21.98 3.68
C SER B 161 -4.35 23.01 4.72
N ASP B 162 -5.15 23.17 5.78
CA ASP B 162 -4.83 24.10 6.87
C ASP B 162 -4.02 23.36 7.92
N PRO B 163 -2.73 23.67 8.10
CA PRO B 163 -1.91 22.84 9.00
C PRO B 163 -2.27 22.93 10.47
N ALA B 164 -2.81 24.06 10.94
CA ALA B 164 -3.12 24.20 12.36
C ALA B 164 -4.18 23.22 12.84
N HIS B 165 -5.01 22.74 11.92
CA HIS B 165 -6.18 21.95 12.22
C HIS B 165 -5.99 20.48 11.86
N SER B 166 -4.75 20.00 11.84
CA SER B 166 -4.45 18.66 11.36
C SER B 166 -4.21 17.72 12.54
N LEU B 167 -4.28 16.43 12.26
CA LEU B 167 -3.86 15.38 13.19
C LEU B 167 -2.45 14.94 12.81
N ASN B 168 -1.48 15.24 13.68
N ASN B 168 -1.49 15.25 13.68
CA ASN B 168 -0.08 14.96 13.41
CA ASN B 168 -0.07 14.97 13.49
C ASN B 168 0.34 13.57 13.91
C ASN B 168 0.30 13.55 13.96
N TYR B 169 -0.33 12.56 13.34
CA TYR B 169 0.02 11.18 13.60
C TYR B 169 1.37 10.88 12.97
N THR B 170 1.97 9.79 13.41
CA THR B 170 3.25 9.38 12.86
C THR B 170 3.07 8.82 11.47
N VAL B 171 3.77 9.39 10.49
CA VAL B 171 3.62 8.95 9.11
C VAL B 171 4.23 7.55 8.94
N ILE B 172 3.41 6.61 8.47
CA ILE B 172 3.84 5.27 8.14
C ILE B 172 3.58 5.06 6.66
N ASN B 173 4.61 4.65 5.94
CA ASN B 173 4.45 4.46 4.49
C ASN B 173 5.40 3.33 4.10
N PHE B 174 4.84 2.21 3.68
CA PHE B 174 5.63 1.00 3.47
C PHE B 174 6.50 1.08 2.22
N LYS B 175 6.23 1.99 1.32
CA LYS B 175 7.06 2.17 0.13
C LYS B 175 7.71 3.54 0.19
N SER B 176 8.58 3.70 1.20
CA SER B 176 9.30 4.93 1.47
C SER B 176 10.75 4.57 1.78
N ARG B 177 11.66 5.52 1.55
CA ARG B 177 13.04 5.25 1.88
C ARG B 177 13.21 5.00 3.37
N GLU B 178 12.39 5.62 4.22
CA GLU B 178 12.50 5.33 5.64
C GLU B 178 12.20 3.88 5.91
N ALA B 179 11.28 3.30 5.16
CA ALA B 179 10.85 1.93 5.42
C ALA B 179 11.81 0.90 4.85
N ILE B 180 12.67 1.28 3.91
CA ILE B 180 13.39 0.34 3.07
C ILE B 180 14.87 0.70 3.07
N ARG B 181 15.70 -0.22 3.56
CA ARG B 181 17.15 -0.02 3.55
C ARG B 181 17.73 -0.31 2.18
N PRO B 182 18.59 0.55 1.66
CA PRO B 182 19.30 0.23 0.42
C PRO B 182 19.94 -1.13 0.54
N GLY B 183 19.71 -1.98 -0.46
CA GLY B 183 20.28 -3.30 -0.49
C GLY B 183 19.47 -4.37 0.20
N HIS B 184 18.45 -3.99 0.97
CA HIS B 184 17.54 -4.91 1.61
C HIS B 184 16.11 -4.72 1.09
N GLU B 185 15.99 -4.26 -0.17
CA GLU B 185 14.68 -3.91 -0.71
C GLU B 185 13.67 -5.03 -0.53
N MET B 186 13.98 -6.22 -1.04
CA MET B 186 13.03 -7.31 -0.90
C MET B 186 12.86 -7.70 0.56
N GLU B 187 13.98 -7.76 1.28
CA GLU B 187 13.90 -8.19 2.68
C GLU B 187 13.00 -7.26 3.48
N ASP B 188 13.25 -5.96 3.39
CA ASP B 188 12.54 -5.01 4.22
C ASP B 188 11.09 -4.81 3.78
N PHE B 189 10.77 -5.06 2.51
CA PHE B 189 9.39 -4.87 2.05
C PHE B 189 8.52 -6.06 2.42
N LEU B 190 9.07 -7.26 2.41
CA LEU B 190 8.31 -8.45 2.75
C LEU B 190 8.31 -8.76 4.24
N ASP B 191 9.28 -8.25 4.99
CA ASP B 191 9.37 -8.44 6.44
C ASP B 191 9.69 -7.06 7.01
N LYS B 192 8.68 -6.40 7.55
CA LYS B 192 8.85 -5.03 7.99
C LYS B 192 9.51 -4.90 9.36
N SER B 193 10.20 -5.92 9.89
CA SER B 193 10.75 -5.82 11.24
C SER B 193 11.68 -4.65 11.44
N TYR B 194 12.53 -4.33 10.45
N TYR B 194 12.54 -4.36 10.45
N TYR B 194 12.54 -4.36 10.45
CA TYR B 194 13.47 -3.24 10.68
CA TYR B 194 13.47 -3.24 10.58
CA TYR B 194 13.47 -3.25 10.63
C TYR B 194 12.75 -1.90 10.77
C TYR B 194 12.72 -1.95 10.80
C TYR B 194 12.73 -1.93 10.79
N TYR B 195 11.70 -1.71 9.97
CA TYR B 195 10.92 -0.49 10.06
C TYR B 195 10.19 -0.40 11.41
N LEU B 196 9.62 -1.51 11.87
CA LEU B 196 8.88 -1.51 13.14
C LEU B 196 9.84 -1.29 14.28
N ASN B 197 10.85 -2.16 14.40
CA ASN B 197 11.66 -2.22 15.60
C ASN B 197 12.73 -1.12 15.63
N THR B 198 13.41 -0.88 14.51
CA THR B 198 14.49 0.08 14.51
C THR B 198 14.03 1.50 14.18
N VAL B 199 13.28 1.67 13.08
CA VAL B 199 12.87 3.02 12.70
C VAL B 199 11.82 3.55 13.68
N MET B 200 10.76 2.79 13.88
CA MET B 200 9.60 3.32 14.59
C MET B 200 9.72 3.17 16.10
N LEU B 201 9.94 1.95 16.57
CA LEU B 201 9.97 1.70 18.01
C LEU B 201 11.20 2.32 18.67
N GLN B 202 12.40 1.98 18.19
N GLN B 202 12.40 1.96 18.20
CA GLN B 202 13.61 2.53 18.79
CA GLN B 202 13.60 2.54 18.78
C GLN B 202 13.81 4.00 18.39
C GLN B 202 13.76 4.01 18.40
N GLY B 203 13.52 4.34 17.15
CA GLY B 203 13.76 5.69 16.66
C GLY B 203 12.75 6.77 17.01
N ILE B 204 11.46 6.51 16.77
CA ILE B 204 10.46 7.56 16.79
C ILE B 204 9.67 7.46 18.08
N PHE B 205 9.07 6.30 18.34
CA PHE B 205 8.22 6.14 19.50
C PHE B 205 8.99 5.92 20.79
N LYS B 206 10.20 5.37 20.71
CA LYS B 206 11.06 5.11 21.86
C LYS B 206 10.66 3.83 22.59
N ASN B 207 9.36 3.55 22.70
CA ASN B 207 8.91 2.33 23.35
C ASN B 207 7.56 1.94 22.78
N SER B 208 7.16 0.70 23.07
CA SER B 208 5.90 0.19 22.55
C SER B 208 4.69 0.82 23.22
N SER B 209 4.82 1.29 24.45
CA SER B 209 3.68 1.97 25.08
C SER B 209 3.27 3.20 24.29
N ASN B 210 4.25 3.98 23.83
CA ASN B 210 3.89 5.15 23.03
C ASN B 210 3.29 4.73 21.69
N TYR B 211 3.79 3.64 21.11
CA TYR B 211 3.22 3.15 19.85
C TYR B 211 1.77 2.75 20.07
N PHE B 212 1.51 1.96 21.12
CA PHE B 212 0.15 1.53 21.34
C PHE B 212 -0.76 2.71 21.67
N GLY B 213 -0.22 3.74 22.33
CA GLY B 213 -1.05 4.90 22.65
C GLY B 213 -1.57 5.61 21.41
N GLU B 214 -0.70 5.78 20.42
CA GLU B 214 -1.13 6.42 19.18
C GLU B 214 -2.10 5.54 18.44
N LEU B 215 -1.84 4.24 18.42
CA LEU B 215 -2.76 3.29 17.82
C LEU B 215 -4.14 3.36 18.47
N GLN B 216 -4.18 3.36 19.82
CA GLN B 216 -5.47 3.41 20.48
C GLN B 216 -6.16 4.76 20.23
N PHE B 217 -5.41 5.85 20.20
CA PHE B 217 -6.01 7.15 20.00
C PHE B 217 -6.56 7.28 18.59
N ALA B 218 -5.85 6.72 17.60
CA ALA B 218 -6.36 6.69 16.25
C ALA B 218 -7.64 5.88 16.13
N PHE B 219 -7.69 4.68 16.71
CA PHE B 219 -8.95 3.94 16.71
C PHE B 219 -10.09 4.78 17.29
N LEU B 220 -9.84 5.43 18.43
CA LEU B 220 -10.97 6.10 19.08
C LEU B 220 -11.46 7.30 18.28
N ASN B 221 -10.54 8.04 17.65
CA ASN B 221 -10.97 9.14 16.81
CA ASN B 221 -10.95 9.14 16.80
C ASN B 221 -11.75 8.62 15.60
N ALA B 222 -11.20 7.63 14.95
CA ALA B 222 -11.92 6.98 13.85
C ALA B 222 -13.31 6.59 14.32
N MET B 223 -13.46 5.93 15.46
CA MET B 223 -14.74 5.37 15.87
C MET B 223 -15.74 6.43 16.35
N PHE B 224 -15.29 7.41 17.12
CA PHE B 224 -16.16 8.44 17.76
C PHE B 224 -16.52 9.55 16.81
N PHE B 225 -15.59 9.86 15.91
CA PHE B 225 -15.84 10.96 14.99
C PHE B 225 -15.91 10.51 13.54
N GLY B 226 -15.70 9.26 13.19
CA GLY B 226 -15.76 8.92 11.75
C GLY B 226 -14.64 9.61 11.05
N ASN B 227 -13.51 9.77 11.75
CA ASN B 227 -12.39 10.46 11.15
C ASN B 227 -11.65 9.47 10.26
N TYR B 228 -11.65 9.76 8.94
CA TYR B 228 -11.13 8.78 8.00
C TYR B 228 -9.63 8.62 8.12
N GLY B 229 -8.90 9.72 8.33
CA GLY B 229 -7.43 9.60 8.43
C GLY B 229 -6.98 8.88 9.69
N SER B 230 -7.74 9.01 10.76
CA SER B 230 -7.46 8.21 11.95
C SER B 230 -7.65 6.72 11.68
N SER B 231 -8.71 6.37 10.94
CA SER B 231 -8.97 4.98 10.62
C SER B 231 -7.81 4.42 9.82
N LEU B 232 -7.28 5.21 8.88
CA LEU B 232 -6.14 4.77 8.07
C LEU B 232 -4.91 4.55 8.95
N GLN B 233 -4.72 5.44 9.94
CA GLN B 233 -3.57 5.35 10.83
C GLN B 233 -3.66 4.10 11.71
N TRP B 234 -4.84 3.85 12.27
CA TRP B 234 -5.05 2.65 13.10
C TRP B 234 -4.73 1.39 12.31
N HIS B 235 -5.27 1.27 11.09
CA HIS B 235 -4.97 0.06 10.31
C HIS B 235 -3.50 -0.02 9.96
N ALA B 236 -2.89 1.12 9.62
CA ALA B 236 -1.48 1.08 9.23
C ALA B 236 -0.61 0.60 10.38
N MET B 237 -0.93 1.03 11.59
CA MET B 237 -0.12 0.62 12.73
C MET B 237 -0.32 -0.84 13.09
N ILE B 238 -1.51 -1.39 12.84
CA ILE B 238 -1.72 -2.84 12.99
C ILE B 238 -0.94 -3.59 11.92
N GLU B 239 -1.07 -3.14 10.68
CA GLU B 239 -0.44 -3.87 9.58
C GLU B 239 1.07 -3.88 9.71
N LEU B 240 1.68 -2.78 10.18
CA LEU B 240 3.12 -2.78 10.39
C LEU B 240 3.57 -3.88 11.34
N ILE B 241 2.81 -4.07 12.44
CA ILE B 241 3.17 -5.14 13.36
C ILE B 241 2.92 -6.50 12.73
N CYS B 242 1.74 -6.72 12.13
CA CYS B 242 1.42 -8.03 11.61
C CYS B 242 2.33 -8.43 10.46
N SER B 243 2.89 -7.45 9.74
CA SER B 243 3.80 -7.70 8.61
C SER B 243 5.26 -7.77 9.01
N SER B 244 5.55 -7.86 10.31
CA SER B 244 6.92 -8.00 10.80
C SER B 244 7.08 -9.40 11.37
N ALA B 245 8.10 -10.12 10.87
CA ALA B 245 8.38 -11.47 11.35
C ALA B 245 8.90 -11.49 12.78
N THR B 246 9.54 -10.41 13.22
CA THR B 246 10.23 -10.35 14.52
C THR B 246 9.61 -9.23 15.34
N VAL B 247 8.80 -9.61 16.31
CA VAL B 247 8.07 -8.67 17.15
C VAL B 247 8.22 -9.22 18.57
N PRO B 248 8.57 -8.41 19.56
CA PRO B 248 8.58 -8.91 20.94
C PRO B 248 7.28 -9.57 21.36
N LYS B 249 7.43 -10.67 22.11
CA LYS B 249 6.28 -11.49 22.45
C LYS B 249 5.27 -10.71 23.27
N HIS B 250 5.76 -9.86 24.17
CA HIS B 250 4.88 -9.05 25.00
C HIS B 250 4.10 -8.05 24.17
N MET B 251 4.67 -7.53 23.08
CA MET B 251 3.93 -6.62 22.24
C MET B 251 2.82 -7.35 21.52
N LEU B 252 3.08 -8.58 21.06
CA LEU B 252 2.03 -9.31 20.37
C LEU B 252 0.90 -9.64 21.31
N ASP B 253 1.22 -10.11 22.51
CA ASP B 253 0.19 -10.39 23.50
C ASP B 253 -0.65 -9.16 23.82
N LYS B 254 -0.01 -8.01 23.97
CA LYS B 254 -0.73 -6.81 24.32
C LYS B 254 -1.57 -6.33 23.14
N LEU B 255 -1.00 -6.39 21.93
CA LEU B 255 -1.75 -6.03 20.73
C LEU B 255 -3.01 -6.86 20.62
N ASP B 256 -2.91 -8.17 20.86
CA ASP B 256 -4.10 -9.01 20.81
C ASP B 256 -5.19 -8.49 21.75
N GLU B 257 -4.80 -8.08 22.96
CA GLU B 257 -5.78 -7.60 23.93
C GLU B 257 -6.34 -6.25 23.49
N ILE B 258 -5.47 -5.37 22.99
CA ILE B 258 -5.91 -4.06 22.55
C ILE B 258 -6.97 -4.20 21.47
N LEU B 259 -6.66 -4.96 20.44
CA LEU B 259 -7.57 -5.10 19.32
C LEU B 259 -8.83 -5.80 19.75
N TYR B 260 -8.69 -6.74 20.68
CA TYR B 260 -9.87 -7.45 21.13
C TYR B 260 -10.90 -6.49 21.68
N TYR B 261 -10.48 -5.57 22.53
CA TYR B 261 -11.47 -4.65 23.12
C TYR B 261 -11.99 -3.64 22.09
N GLN B 262 -11.14 -3.27 21.12
CA GLN B 262 -11.55 -2.32 20.10
C GLN B 262 -12.63 -2.98 19.26
N ILE B 263 -12.40 -4.23 18.86
CA ILE B 263 -13.41 -4.95 18.06
C ILE B 263 -14.66 -5.18 18.90
N LYS B 264 -14.49 -5.48 20.19
CA LYS B 264 -15.67 -5.70 21.01
C LYS B 264 -16.52 -4.44 21.10
N THR B 265 -15.90 -3.28 21.11
CA THR B 265 -16.63 -2.05 21.38
C THR B 265 -17.22 -1.42 20.13
N LEU B 266 -16.61 -1.67 18.97
CA LEU B 266 -17.11 -1.10 17.72
C LEU B 266 -18.61 -1.34 17.56
N PRO B 267 -19.58 -0.32 17.25
CA PRO B 267 -21.20 -0.37 16.85
C PRO B 267 -21.06 -1.41 15.71
N GLU B 268 -21.70 -2.58 15.84
CA GLU B 268 -21.88 -3.55 14.75
C GLU B 268 -22.27 -2.84 13.46
N GLN B 269 -23.15 -1.86 13.57
CA GLN B 269 -23.67 -1.23 12.36
C GLN B 269 -22.64 -0.36 11.66
N TYR B 270 -21.49 -0.04 12.22
CA TYR B 270 -20.51 0.74 11.42
C TYR B 270 -19.29 -0.11 11.11
N SER B 271 -19.29 -1.44 11.35
CA SER B 271 -18.12 -2.24 11.03
C SER B 271 -17.77 -2.11 9.56
N ASP B 272 -18.79 -1.95 8.69
CA ASP B 272 -18.52 -1.92 7.26
C ASP B 272 -17.68 -0.71 6.86
N ILE B 273 -17.78 0.35 7.64
CA ILE B 273 -17.06 1.60 7.31
C ILE B 273 -15.86 1.83 8.24
N LEU B 274 -15.67 1.03 9.29
CA LEU B 274 -14.51 1.23 10.19
C LEU B 274 -13.48 0.12 10.07
N LEU B 275 -13.78 -0.94 9.36
CA LEU B 275 -12.90 -2.10 9.30
C LEU B 275 -12.48 -2.32 7.85
N ASN B 276 -11.19 -2.37 7.61
CA ASN B 276 -10.69 -2.55 6.25
C ASN B 276 -10.53 -4.04 5.97
N GLU B 277 -11.42 -4.58 5.14
CA GLU B 277 -11.39 -6.01 4.80
C GLU B 277 -9.98 -6.51 4.46
N ARG B 278 -9.26 -5.80 3.59
CA ARG B 278 -7.96 -6.28 3.15
C ARG B 278 -6.98 -6.38 4.32
N VAL B 279 -6.91 -5.35 5.15
CA VAL B 279 -5.92 -5.37 6.21
C VAL B 279 -6.23 -6.49 7.21
N TRP B 280 -7.50 -6.65 7.56
CA TRP B 280 -7.85 -7.64 8.58
C TRP B 280 -7.64 -9.05 8.04
N ASN B 281 -8.06 -9.31 6.81
CA ASN B 281 -7.85 -10.64 6.25
C ASN B 281 -6.37 -10.94 6.10
N ILE B 282 -5.59 -9.96 5.68
CA ILE B 282 -4.14 -10.15 5.60
C ILE B 282 -3.56 -10.43 6.98
N CYS B 283 -3.94 -9.62 7.97
CA CYS B 283 -3.34 -9.74 9.29
C CYS B 283 -3.69 -11.05 9.97
N LEU B 284 -4.95 -11.48 9.84
CA LEU B 284 -5.40 -12.66 10.59
C LEU B 284 -5.04 -13.97 9.89
N TYR B 285 -4.87 -13.95 8.57
CA TYR B 285 -4.79 -15.19 7.80
C TYR B 285 -3.57 -15.32 6.92
N SER B 286 -2.87 -14.24 6.59
CA SER B 286 -1.68 -14.34 5.74
C SER B 286 -0.38 -13.88 6.42
N SER B 287 -0.45 -12.95 7.36
CA SER B 287 0.77 -12.28 7.81
C SER B 287 1.60 -13.21 8.66
N PHE B 288 2.78 -12.71 9.05
CA PHE B 288 3.66 -13.42 9.96
C PHE B 288 2.97 -13.69 11.29
N GLN B 289 2.08 -12.80 11.70
CA GLN B 289 1.46 -12.90 13.02
C GLN B 289 0.05 -13.50 12.93
N LYS B 290 -0.24 -14.23 11.86
CA LYS B 290 -1.55 -14.82 11.62
C LYS B 290 -1.97 -15.79 12.72
N ASN B 291 -0.99 -16.32 13.48
CA ASN B 291 -1.26 -17.29 14.53
C ASN B 291 -1.08 -16.71 15.91
N SER B 292 -0.86 -15.40 16.00
CA SER B 292 -0.47 -14.76 17.24
C SER B 292 -1.57 -13.90 17.83
N LEU B 293 -2.73 -13.81 17.22
CA LEU B 293 -3.77 -12.92 17.73
C LEU B 293 -5.02 -13.74 18.05
N HIS B 294 -4.90 -14.63 19.03
CA HIS B 294 -5.95 -15.60 19.27
C HIS B 294 -7.25 -14.93 19.70
N ASN B 295 -7.17 -13.98 20.62
CA ASN B 295 -8.41 -13.36 21.10
C ASN B 295 -9.06 -12.53 19.99
N THR B 296 -8.26 -11.77 19.24
CA THR B 296 -8.79 -10.92 18.20
C THR B 296 -9.40 -11.73 17.08
N GLU B 297 -8.69 -12.79 16.63
CA GLU B 297 -9.26 -13.65 15.59
C GLU B 297 -10.57 -14.28 16.05
N LYS B 298 -10.66 -14.70 17.31
CA LYS B 298 -11.88 -15.36 17.76
C LYS B 298 -13.04 -14.37 17.81
N ILE B 299 -12.81 -13.14 18.27
CA ILE B 299 -13.94 -12.23 18.31
C ILE B 299 -14.29 -11.76 16.90
N MET B 300 -13.28 -11.56 16.06
CA MET B 300 -13.56 -11.15 14.68
C MET B 300 -14.40 -12.18 13.95
N GLU B 301 -14.00 -13.47 14.01
CA GLU B 301 -14.74 -14.53 13.33
C GLU B 301 -16.15 -14.70 13.88
N ASN B 302 -16.38 -14.47 15.17
CA ASN B 302 -17.69 -14.69 15.74
C ASN B 302 -18.60 -13.47 15.58
N LYS B 303 -18.03 -12.29 15.37
CA LYS B 303 -18.82 -11.06 15.29
C LYS B 303 -18.93 -10.53 13.88
N TYR B 304 -17.87 -10.62 13.09
CA TYR B 304 -17.88 -10.12 11.70
C TYR B 304 -17.36 -11.18 10.74
N PRO B 305 -17.98 -12.37 10.69
CA PRO B 305 -17.50 -13.38 9.73
C PRO B 305 -17.74 -12.99 8.28
N GLU B 306 -18.61 -12.00 8.05
CA GLU B 306 -18.84 -11.51 6.69
C GLU B 306 -17.57 -10.89 6.13
N LEU B 307 -17.01 -9.93 6.88
CA LEU B 307 -15.75 -9.31 6.50
C LEU B 307 -14.67 -10.32 6.16
N LEU B 308 -14.83 -11.57 6.56
CA LEU B 308 -13.83 -12.59 6.29
C LEU B 308 -14.48 -13.80 5.60
N1 VUU C . 26.10 -4.06 -29.94
C7 VUU C . 27.29 -3.86 -29.15
C8 VUU C . 27.88 -5.02 -28.34
N2 VUU C . 24.11 -3.47 -31.13
C9 VUU C . 28.51 -4.64 -29.65
C1 VUU C . 21.24 -1.68 -28.21
C5 VUU C . 24.26 -0.72 -30.13
C6 VUU C . 25.14 -3.11 -30.28
C4 VUU C . 22.76 -1.07 -30.14
C3 VUU C . 21.59 -0.14 -26.54
C2 VUU C . 22.08 -0.87 -28.80
N VUU C . 25.20 -1.82 -29.79
S VUU C . 22.52 0.44 -27.80
C VUU C . 20.97 -1.26 -26.87
#